data_2P54
#
_entry.id   2P54
#
_cell.length_a   61.263
_cell.length_b   103.535
_cell.length_c   49.850
_cell.angle_alpha   90.00
_cell.angle_beta   90.00
_cell.angle_gamma   90.00
#
_symmetry.space_group_name_H-M   'P 21 21 2'
#
loop_
_entity.id
_entity.type
_entity.pdbx_description
1 polymer 'Peroxisome proliferator-activated receptor alpha'
2 polymer 'Nuclear receptor coactivator 1'
3 non-polymer '2-METHYL-2-(4-{[({4-METHYL-2-[4-(TRIFLUOROMETHYL)PHENYL]-1,3-THIAZOL-5-YL}CARBONYL)AMINO]METHYL}PHENOXY)PROPANOIC ACID'
4 water water
#
loop_
_entity_poly.entity_id
_entity_poly.type
_entity_poly.pdbx_seq_one_letter_code
_entity_poly.pdbx_strand_id
1 'polypeptide(L)'
;DLKSLAKRIYEAYLKNFNMNKVKARVILSGKASNNPPFVIHDMETLCMAEKTLVAKLVANGIQNKEAEVRIFHCCQCTSV
ETVTELTEFAKAIPGFANLDLNDQVTLLKYGVYEAIFAMLSSVMNKDGMLVAYGNGFITREFLKSLRKPFCDIMEPKFDF
AMKFNALELDDSDISLFVAAIICCGDRPGLLNVGHIEKMQEGIVHVLRLHLQSNHPDDIFLFPKLLQKMADLRQLVTEHA
QLVQIIKKTESDAALHPLLQEIYRDMY
;
A
2 'polypeptide(L)' ARHKILHRLLQE B
#
# COMPACT_ATOMS: atom_id res chain seq x y z
N ASP A 1 -19.20 -2.58 21.78
CA ASP A 1 -18.07 -1.84 21.13
C ASP A 1 -17.01 -2.81 20.57
N LEU A 2 -16.28 -3.47 21.45
CA LEU A 2 -15.23 -4.40 21.03
C LEU A 2 -15.73 -5.71 20.45
N LYS A 3 -16.87 -6.19 20.94
CA LYS A 3 -17.43 -7.45 20.46
C LYS A 3 -17.48 -7.57 18.93
N SER A 4 -17.85 -6.49 18.26
CA SER A 4 -17.94 -6.52 16.81
C SER A 4 -17.10 -5.44 16.11
N LEU A 5 -16.09 -4.92 16.79
CA LEU A 5 -15.23 -3.89 16.20
C LEU A 5 -14.48 -4.44 15.00
N ALA A 6 -14.07 -5.71 15.07
CA ALA A 6 -13.36 -6.35 13.98
C ALA A 6 -14.23 -6.36 12.72
N LYS A 7 -15.48 -6.79 12.86
CA LYS A 7 -16.40 -6.85 11.73
C LYS A 7 -16.59 -5.48 11.06
N ARG A 8 -16.69 -4.42 11.86
CA ARG A 8 -16.86 -3.07 11.31
C ARG A 8 -15.65 -2.61 10.50
N ILE A 9 -14.46 -2.76 11.08
CA ILE A 9 -13.24 -2.37 10.40
C ILE A 9 -13.14 -3.15 9.08
N TYR A 10 -13.52 -4.42 9.14
CA TYR A 10 -13.50 -5.28 7.95
C TYR A 10 -14.49 -4.76 6.90
N GLU A 11 -15.65 -4.27 7.34
CA GLU A 11 -16.64 -3.74 6.40
C GLU A 11 -16.09 -2.49 5.73
N ALA A 12 -15.46 -1.62 6.52
CA ALA A 12 -14.86 -0.39 6.00
C ALA A 12 -13.79 -0.73 4.95
N TYR A 13 -13.05 -1.80 5.21
CA TYR A 13 -12.00 -2.26 4.31
C TYR A 13 -12.59 -2.78 2.99
N LEU A 14 -13.62 -3.60 3.08
CA LEU A 14 -14.25 -4.13 1.88
C LEU A 14 -14.92 -3.03 1.05
N LYS A 15 -15.40 -2.00 1.74
CA LYS A 15 -16.06 -0.88 1.10
C LYS A 15 -15.13 0.12 0.41
N ASN A 16 -13.92 0.28 0.95
CA ASN A 16 -13.00 1.27 0.43
C ASN A 16 -11.84 0.85 -0.46
N PHE A 17 -11.52 -0.44 -0.53
CA PHE A 17 -10.42 -0.87 -1.38
C PHE A 17 -10.93 -1.63 -2.59
N ASN A 18 -10.67 -1.11 -3.78
CA ASN A 18 -11.13 -1.75 -5.00
C ASN A 18 -10.46 -3.10 -5.24
N MET A 19 -9.27 -3.29 -4.65
CA MET A 19 -8.56 -4.56 -4.78
C MET A 19 -8.26 -5.08 -3.39
N ASN A 20 -8.49 -6.38 -3.21
CA ASN A 20 -8.19 -7.03 -1.93
C ASN A 20 -7.64 -8.41 -2.25
N LYS A 21 -7.29 -9.17 -1.22
CA LYS A 21 -6.69 -10.48 -1.43
C LYS A 21 -7.59 -11.53 -2.10
N VAL A 22 -8.87 -11.59 -1.73
CA VAL A 22 -9.72 -12.58 -2.37
C VAL A 22 -9.83 -12.32 -3.88
N LYS A 23 -10.03 -11.06 -4.27
CA LYS A 23 -10.14 -10.68 -5.68
C LYS A 23 -8.85 -10.98 -6.43
N ALA A 24 -7.72 -10.60 -5.83
CA ALA A 24 -6.41 -10.80 -6.45
C ALA A 24 -6.10 -12.29 -6.63
N ARG A 25 -6.38 -13.10 -5.62
CA ARG A 25 -6.11 -14.53 -5.69
C ARG A 25 -6.91 -15.23 -6.80
N VAL A 26 -8.13 -14.78 -7.05
CA VAL A 26 -8.93 -15.37 -8.13
C VAL A 26 -8.24 -15.10 -9.46
N ILE A 27 -7.83 -13.84 -9.66
CA ILE A 27 -7.16 -13.44 -10.87
C ILE A 27 -5.84 -14.19 -11.09
N LEU A 28 -5.12 -14.44 -10.01
CA LEU A 28 -3.84 -15.14 -10.08
C LEU A 28 -3.94 -16.67 -10.08
N SER A 29 -5.14 -17.20 -9.88
CA SER A 29 -5.35 -18.64 -9.82
C SER A 29 -5.01 -19.42 -11.08
N GLY A 30 -5.11 -18.78 -12.24
CA GLY A 30 -4.82 -19.47 -13.48
C GLY A 30 -6.00 -20.28 -13.99
N LYS A 31 -7.13 -20.19 -13.28
CA LYS A 31 -8.34 -20.90 -13.66
C LYS A 31 -8.87 -20.28 -14.94
N ALA A 32 -9.85 -20.94 -15.55
CA ALA A 32 -10.45 -20.43 -16.78
C ALA A 32 -10.92 -19.00 -16.57
N SER A 33 -10.54 -18.12 -17.47
CA SER A 33 -10.92 -16.71 -17.38
C SER A 33 -11.16 -16.12 -18.76
N ASN A 34 -12.18 -15.28 -18.86
CA ASN A 34 -12.51 -14.62 -20.12
C ASN A 34 -11.61 -13.42 -20.37
N ASN A 35 -11.06 -12.84 -19.31
CA ASN A 35 -10.18 -11.70 -19.41
C ASN A 35 -8.95 -11.85 -18.53
N PRO A 36 -8.06 -12.78 -18.87
CA PRO A 36 -6.85 -12.97 -18.05
C PRO A 36 -5.99 -11.73 -18.08
N PRO A 37 -5.27 -11.45 -16.99
CA PRO A 37 -4.42 -10.26 -16.92
C PRO A 37 -3.30 -10.29 -17.96
N PHE A 38 -2.99 -9.13 -18.53
CA PHE A 38 -1.95 -9.04 -19.54
C PHE A 38 -0.58 -9.03 -18.85
N VAL A 39 0.28 -9.96 -19.22
CA VAL A 39 1.59 -10.07 -18.62
C VAL A 39 2.64 -9.16 -19.27
N ILE A 40 3.27 -8.34 -18.44
CA ILE A 40 4.33 -7.43 -18.87
C ILE A 40 5.63 -8.07 -18.40
N HIS A 41 6.37 -8.68 -19.33
CA HIS A 41 7.61 -9.35 -19.00
C HIS A 41 8.85 -8.80 -19.71
N ASP A 42 8.64 -7.87 -20.64
CA ASP A 42 9.73 -7.24 -21.36
C ASP A 42 9.28 -5.93 -21.98
N MET A 43 10.20 -5.22 -22.63
CA MET A 43 9.88 -3.93 -23.24
C MET A 43 8.72 -4.04 -24.24
N GLU A 44 8.71 -5.11 -25.02
CA GLU A 44 7.66 -5.30 -26.02
C GLU A 44 6.27 -5.39 -25.38
N THR A 45 6.13 -6.25 -24.38
CA THR A 45 4.85 -6.41 -23.70
C THR A 45 4.46 -5.18 -22.86
N LEU A 46 5.44 -4.39 -22.43
CA LEU A 46 5.15 -3.18 -21.67
C LEU A 46 4.45 -2.21 -22.62
N CYS A 47 4.99 -2.05 -23.82
CA CYS A 47 4.38 -1.15 -24.79
C CYS A 47 2.97 -1.63 -25.16
N MET A 48 2.77 -2.93 -25.32
CA MET A 48 1.47 -3.48 -25.66
C MET A 48 0.46 -3.19 -24.54
N ALA A 49 0.89 -3.40 -23.30
CA ALA A 49 0.04 -3.16 -22.14
C ALA A 49 -0.34 -1.69 -22.05
N GLU A 50 0.62 -0.80 -22.29
CA GLU A 50 0.35 0.63 -22.24
C GLU A 50 -0.67 1.02 -23.30
N LYS A 51 -0.52 0.46 -24.49
CA LYS A 51 -1.42 0.74 -25.60
C LYS A 51 -2.89 0.45 -25.27
N THR A 52 -3.12 -0.59 -24.48
CA THR A 52 -4.48 -0.97 -24.10
C THR A 52 -4.96 -0.46 -22.74
N LEU A 53 -4.09 -0.49 -21.74
CA LEU A 53 -4.43 -0.07 -20.38
C LEU A 53 -4.22 1.41 -20.02
N VAL A 54 -3.24 2.05 -20.66
CA VAL A 54 -2.96 3.46 -20.41
C VAL A 54 -2.50 4.07 -21.73
N ALA A 55 -3.39 4.03 -22.71
CA ALA A 55 -3.14 4.52 -24.07
C ALA A 55 -2.40 5.86 -24.21
N LYS A 56 -2.63 6.78 -23.27
CA LYS A 56 -1.97 8.09 -23.33
C LYS A 56 -0.43 7.98 -23.31
N LEU A 57 0.10 6.90 -22.75
CA LEU A 57 1.54 6.70 -22.65
C LEU A 57 2.19 6.14 -23.91
N VAL A 58 1.40 5.87 -24.94
CA VAL A 58 1.95 5.37 -26.20
C VAL A 58 1.88 6.43 -27.30
N ALA A 59 1.42 7.62 -26.94
CA ALA A 59 1.29 8.72 -27.89
C ALA A 59 1.86 10.03 -27.31
N ASN A 60 1.72 11.10 -28.08
CA ASN A 60 2.19 12.43 -27.67
C ASN A 60 3.66 12.50 -27.26
N GLY A 61 4.50 11.68 -27.89
CA GLY A 61 5.92 11.69 -27.57
C GLY A 61 6.29 10.97 -26.28
N ILE A 62 5.29 10.60 -25.48
CA ILE A 62 5.51 9.91 -24.22
C ILE A 62 6.15 8.54 -24.44
N GLN A 63 5.87 7.93 -25.59
CA GLN A 63 6.42 6.63 -25.92
C GLN A 63 7.93 6.72 -26.16
N ASN A 64 8.42 7.95 -26.29
CA ASN A 64 9.84 8.20 -26.51
C ASN A 64 10.59 8.46 -25.20
N LYS A 65 9.84 8.48 -24.08
CA LYS A 65 10.45 8.67 -22.78
C LYS A 65 10.92 7.29 -22.32
N GLU A 66 11.94 7.26 -21.47
CA GLU A 66 12.45 5.98 -20.98
C GLU A 66 11.37 5.12 -20.37
N ALA A 67 11.45 3.82 -20.62
CA ALA A 67 10.49 2.87 -20.07
C ALA A 67 10.40 3.07 -18.56
N GLU A 68 11.56 3.23 -17.91
CA GLU A 68 11.63 3.43 -16.47
C GLU A 68 10.80 4.60 -15.98
N VAL A 69 10.81 5.69 -16.73
CA VAL A 69 10.04 6.88 -16.36
C VAL A 69 8.54 6.65 -16.50
N ARG A 70 8.15 5.90 -17.53
CA ARG A 70 6.75 5.58 -17.76
C ARG A 70 6.24 4.67 -16.65
N ILE A 71 7.04 3.66 -16.29
CA ILE A 71 6.65 2.72 -15.23
C ILE A 71 6.57 3.47 -13.91
N PHE A 72 7.53 4.35 -13.64
CA PHE A 72 7.54 5.12 -12.40
C PHE A 72 6.28 5.98 -12.34
N HIS A 73 5.89 6.57 -13.47
CA HIS A 73 4.68 7.39 -13.50
C HIS A 73 3.48 6.54 -13.10
N CYS A 74 3.38 5.35 -13.66
CA CYS A 74 2.27 4.44 -13.32
C CYS A 74 2.31 4.06 -11.84
N CYS A 75 3.50 3.90 -11.29
CA CYS A 75 3.64 3.57 -9.88
C CYS A 75 3.05 4.70 -9.05
N GLN A 76 3.36 5.94 -9.44
CA GLN A 76 2.84 7.11 -8.74
C GLN A 76 1.32 7.19 -8.79
N CYS A 77 0.74 6.96 -9.98
CA CYS A 77 -0.70 7.01 -10.11
C CYS A 77 -1.34 5.97 -9.20
N THR A 78 -0.71 4.80 -9.14
CA THR A 78 -1.20 3.71 -8.30
C THR A 78 -1.14 4.08 -6.83
N SER A 79 0.01 4.62 -6.41
CA SER A 79 0.14 5.05 -5.02
C SER A 79 -0.87 6.14 -4.65
N VAL A 80 -1.09 7.10 -5.54
CA VAL A 80 -2.04 8.17 -5.27
C VAL A 80 -3.44 7.62 -5.01
N GLU A 81 -3.86 6.66 -5.83
CA GLU A 81 -5.16 6.03 -5.67
C GLU A 81 -5.23 5.25 -4.36
N THR A 82 -4.17 4.53 -4.02
CA THR A 82 -4.18 3.75 -2.79
C THR A 82 -4.20 4.67 -1.56
N VAL A 83 -3.44 5.77 -1.62
CA VAL A 83 -3.44 6.71 -0.50
C VAL A 83 -4.86 7.28 -0.35
N THR A 84 -5.50 7.55 -1.48
CA THR A 84 -6.86 8.08 -1.46
C THR A 84 -7.81 7.07 -0.80
N GLU A 85 -7.66 5.79 -1.14
CA GLU A 85 -8.52 4.77 -0.53
C GLU A 85 -8.24 4.61 0.97
N LEU A 86 -6.96 4.65 1.35
CA LEU A 86 -6.58 4.52 2.77
C LEU A 86 -7.13 5.67 3.60
N THR A 87 -7.22 6.86 3.00
CA THR A 87 -7.74 8.02 3.71
C THR A 87 -9.23 7.84 4.01
N GLU A 88 -9.96 7.26 3.07
CA GLU A 88 -11.38 7.00 3.28
C GLU A 88 -11.56 5.88 4.31
N PHE A 89 -10.70 4.86 4.23
CA PHE A 89 -10.73 3.76 5.18
C PHE A 89 -10.47 4.28 6.59
N ALA A 90 -9.46 5.14 6.73
CA ALA A 90 -9.11 5.70 8.03
C ALA A 90 -10.29 6.47 8.61
N LYS A 91 -10.97 7.25 7.79
CA LYS A 91 -12.12 8.01 8.25
C LYS A 91 -13.26 7.12 8.74
N ALA A 92 -13.24 5.86 8.34
CA ALA A 92 -14.26 4.90 8.76
C ALA A 92 -13.85 4.11 10.00
N ILE A 93 -12.62 4.30 10.46
CA ILE A 93 -12.16 3.60 11.65
C ILE A 93 -12.70 4.37 12.85
N PRO A 94 -13.49 3.70 13.70
CA PRO A 94 -14.10 4.33 14.89
C PRO A 94 -13.11 5.17 15.69
N GLY A 95 -13.42 6.46 15.83
CA GLY A 95 -12.56 7.34 16.59
C GLY A 95 -11.58 8.20 15.81
N PHE A 96 -11.16 7.72 14.64
CA PHE A 96 -10.19 8.46 13.83
C PHE A 96 -10.68 9.87 13.47
N ALA A 97 -11.93 9.98 13.03
CA ALA A 97 -12.47 11.27 12.65
C ALA A 97 -12.62 12.26 13.81
N ASN A 98 -12.54 11.75 15.05
CA ASN A 98 -12.66 12.59 16.24
C ASN A 98 -11.32 13.24 16.64
N LEU A 99 -10.23 12.74 16.06
CA LEU A 99 -8.91 13.26 16.34
C LEU A 99 -8.75 14.65 15.72
N ASP A 100 -7.83 15.43 16.25
CA ASP A 100 -7.58 16.76 15.70
C ASP A 100 -7.10 16.52 14.27
N LEU A 101 -7.47 17.40 13.35
CA LEU A 101 -7.09 17.28 11.95
C LEU A 101 -5.58 17.07 11.74
N ASN A 102 -4.76 17.76 12.52
CA ASN A 102 -3.31 17.61 12.39
C ASN A 102 -2.88 16.18 12.72
N ASP A 103 -3.48 15.59 13.75
CA ASP A 103 -3.16 14.21 14.11
C ASP A 103 -3.64 13.25 13.03
N GLN A 104 -4.77 13.55 12.41
CA GLN A 104 -5.28 12.69 11.34
C GLN A 104 -4.27 12.71 10.20
N VAL A 105 -3.79 13.91 9.87
CA VAL A 105 -2.80 14.10 8.81
C VAL A 105 -1.51 13.36 9.12
N THR A 106 -1.05 13.50 10.37
CA THR A 106 0.18 12.84 10.80
C THR A 106 0.10 11.32 10.75
N LEU A 107 -1.02 10.75 11.21
CA LEU A 107 -1.17 9.30 11.19
C LEU A 107 -1.13 8.77 9.76
N LEU A 108 -1.80 9.46 8.84
CA LEU A 108 -1.80 9.01 7.45
C LEU A 108 -0.43 9.23 6.82
N LYS A 109 0.17 10.39 7.09
CA LYS A 109 1.49 10.71 6.55
C LYS A 109 2.52 9.61 6.80
N TYR A 110 2.62 9.16 8.04
CA TYR A 110 3.59 8.12 8.40
C TYR A 110 3.07 6.69 8.24
N GLY A 111 1.75 6.53 8.22
CA GLY A 111 1.21 5.18 8.11
C GLY A 111 0.83 4.68 6.73
N VAL A 112 0.50 5.56 5.79
CA VAL A 112 0.08 5.05 4.48
C VAL A 112 1.02 4.14 3.74
N TYR A 113 2.32 4.40 3.76
CA TYR A 113 3.23 3.51 3.03
C TYR A 113 3.46 2.18 3.73
N GLU A 114 3.34 2.16 5.05
CA GLU A 114 3.47 0.90 5.77
C GLU A 114 2.27 0.06 5.33
N ALA A 115 1.10 0.69 5.24
CA ALA A 115 -0.12 -0.02 4.83
C ALA A 115 -0.04 -0.41 3.35
N ILE A 116 0.51 0.46 2.52
CA ILE A 116 0.63 0.17 1.10
C ILE A 116 1.52 -1.04 0.85
N PHE A 117 2.67 -1.10 1.51
CA PHE A 117 3.54 -2.24 1.29
C PHE A 117 2.95 -3.54 1.87
N ALA A 118 2.21 -3.42 2.97
CA ALA A 118 1.57 -4.60 3.55
C ALA A 118 0.50 -5.10 2.57
N MET A 119 -0.29 -4.18 2.02
CA MET A 119 -1.32 -4.58 1.08
C MET A 119 -0.79 -5.02 -0.28
N LEU A 120 0.43 -4.63 -0.63
CA LEU A 120 1.01 -5.06 -1.90
C LEU A 120 1.09 -6.58 -1.94
N SER A 121 1.38 -7.17 -0.78
CA SER A 121 1.50 -8.61 -0.64
C SER A 121 0.26 -9.32 -1.21
N SER A 122 -0.91 -8.71 -1.03
CA SER A 122 -2.16 -9.28 -1.53
C SER A 122 -2.20 -9.47 -3.04
N VAL A 123 -1.51 -8.61 -3.78
CA VAL A 123 -1.51 -8.71 -5.23
C VAL A 123 -0.20 -9.25 -5.80
N MET A 124 0.64 -9.80 -4.94
CA MET A 124 1.93 -10.34 -5.37
C MET A 124 2.07 -11.84 -5.17
N ASN A 125 2.94 -12.43 -5.97
CA ASN A 125 3.32 -13.84 -5.80
C ASN A 125 4.82 -13.77 -6.05
N LYS A 126 5.54 -14.88 -5.95
CA LYS A 126 6.99 -14.86 -6.13
C LYS A 126 7.48 -14.37 -7.49
N ASP A 127 6.61 -14.37 -8.50
CA ASP A 127 7.01 -13.96 -9.84
C ASP A 127 6.60 -12.57 -10.32
N GLY A 128 5.78 -11.86 -9.56
CA GLY A 128 5.38 -10.53 -10.01
C GLY A 128 4.16 -10.01 -9.26
N MET A 129 3.54 -8.94 -9.77
CA MET A 129 2.37 -8.37 -9.11
C MET A 129 1.31 -7.86 -10.09
N LEU A 130 0.06 -7.88 -9.64
CA LEU A 130 -1.05 -7.41 -10.45
C LEU A 130 -1.02 -5.89 -10.46
N VAL A 131 -1.35 -5.29 -11.60
CA VAL A 131 -1.38 -3.84 -11.72
C VAL A 131 -2.57 -3.44 -12.57
N ALA A 132 -2.79 -2.13 -12.68
CA ALA A 132 -3.89 -1.60 -13.48
C ALA A 132 -5.23 -2.23 -13.12
N TYR A 133 -5.58 -2.17 -11.84
CA TYR A 133 -6.85 -2.70 -11.37
C TYR A 133 -7.11 -4.16 -11.75
N GLY A 134 -6.06 -4.97 -11.60
CA GLY A 134 -6.14 -6.39 -11.89
C GLY A 134 -6.05 -6.79 -13.36
N ASN A 135 -5.87 -5.82 -14.24
CA ASN A 135 -5.81 -6.12 -15.67
C ASN A 135 -4.42 -6.40 -16.23
N GLY A 136 -3.40 -6.18 -15.42
CA GLY A 136 -2.05 -6.44 -15.87
C GLY A 136 -1.27 -7.17 -14.80
N PHE A 137 -0.15 -7.77 -15.19
CA PHE A 137 0.71 -8.48 -14.25
C PHE A 137 2.13 -8.21 -14.71
N ILE A 138 2.87 -7.45 -13.91
CA ILE A 138 4.25 -7.12 -14.27
C ILE A 138 5.19 -8.07 -13.53
N THR A 139 6.13 -8.67 -14.26
CA THR A 139 7.03 -9.63 -13.62
C THR A 139 8.15 -9.03 -12.80
N ARG A 140 8.51 -9.75 -11.75
CA ARG A 140 9.57 -9.38 -10.85
C ARG A 140 10.90 -9.27 -11.62
N GLU A 141 11.14 -10.22 -12.52
CA GLU A 141 12.38 -10.19 -13.29
C GLU A 141 12.47 -8.98 -14.22
N PHE A 142 11.35 -8.59 -14.82
CA PHE A 142 11.36 -7.42 -15.71
C PHE A 142 11.73 -6.18 -14.89
N LEU A 143 11.13 -6.02 -13.71
CA LEU A 143 11.42 -4.87 -12.86
C LEU A 143 12.90 -4.86 -12.46
N LYS A 144 13.48 -6.04 -12.26
CA LYS A 144 14.89 -6.15 -11.90
C LYS A 144 15.81 -5.77 -13.06
N SER A 145 15.32 -5.94 -14.29
CA SER A 145 16.10 -5.63 -15.49
C SER A 145 16.17 -4.14 -15.83
N LEU A 146 15.36 -3.33 -15.17
CA LEU A 146 15.37 -1.90 -15.41
C LEU A 146 16.69 -1.32 -14.92
N ARG A 147 17.02 -0.12 -15.36
CA ARG A 147 18.26 0.50 -14.93
C ARG A 147 18.10 1.08 -13.53
N LYS A 148 19.21 1.19 -12.81
CA LYS A 148 19.17 1.78 -11.48
C LYS A 148 18.81 3.24 -11.71
N PRO A 149 18.14 3.87 -10.74
CA PRO A 149 17.72 3.32 -9.44
C PRO A 149 16.34 2.66 -9.48
N PHE A 150 15.68 2.71 -10.63
CA PHE A 150 14.34 2.14 -10.76
C PHE A 150 14.24 0.65 -10.46
N CYS A 151 15.27 -0.11 -10.80
CA CYS A 151 15.28 -1.55 -10.53
C CYS A 151 15.48 -1.86 -9.04
N ASP A 152 15.80 -0.84 -8.24
CA ASP A 152 16.03 -1.02 -6.81
C ASP A 152 14.81 -0.73 -5.93
N ILE A 153 13.70 -0.38 -6.56
CA ILE A 153 12.48 -0.06 -5.83
C ILE A 153 11.68 -1.25 -5.34
N MET A 154 11.35 -2.15 -6.26
CA MET A 154 10.50 -3.29 -5.92
C MET A 154 11.02 -4.53 -5.21
N GLU A 155 12.29 -4.90 -5.41
CA GLU A 155 12.80 -6.09 -4.75
C GLU A 155 12.52 -6.21 -3.25
N PRO A 156 12.86 -5.18 -2.45
CA PRO A 156 12.58 -5.28 -1.01
C PRO A 156 11.11 -5.52 -0.68
N LYS A 157 10.23 -5.00 -1.53
CA LYS A 157 8.79 -5.16 -1.34
C LYS A 157 8.34 -6.57 -1.67
N PHE A 158 8.93 -7.15 -2.70
CA PHE A 158 8.61 -8.52 -3.09
C PHE A 158 9.11 -9.45 -1.98
N ASP A 159 10.31 -9.19 -1.47
CA ASP A 159 10.86 -10.02 -0.40
C ASP A 159 9.99 -9.91 0.84
N PHE A 160 9.55 -8.71 1.19
CA PHE A 160 8.68 -8.57 2.35
C PHE A 160 7.38 -9.33 2.12
N ALA A 161 6.78 -9.14 0.96
CA ALA A 161 5.52 -9.79 0.62
C ALA A 161 5.57 -11.32 0.65
N MET A 162 6.70 -11.92 0.31
CA MET A 162 6.79 -13.37 0.32
C MET A 162 6.73 -13.91 1.74
N LYS A 163 7.42 -13.25 2.66
CA LYS A 163 7.40 -13.67 4.06
C LYS A 163 6.06 -13.32 4.70
N PHE A 164 5.44 -12.22 4.25
CA PHE A 164 4.14 -11.82 4.79
C PHE A 164 3.05 -12.80 4.33
N ASN A 165 3.08 -13.16 3.05
CA ASN A 165 2.11 -14.09 2.49
C ASN A 165 2.24 -15.48 3.14
N ALA A 166 3.42 -15.79 3.67
CA ALA A 166 3.66 -17.06 4.34
C ALA A 166 2.80 -17.20 5.60
N LEU A 167 2.29 -16.07 6.10
CA LEU A 167 1.43 -16.06 7.29
C LEU A 167 0.02 -16.52 6.94
N GLU A 168 -0.29 -16.57 5.65
CA GLU A 168 -1.59 -16.99 5.15
C GLU A 168 -2.74 -16.18 5.73
N LEU A 169 -2.61 -14.87 5.75
CA LEU A 169 -3.66 -14.01 6.28
C LEU A 169 -4.76 -13.85 5.24
N ASP A 170 -5.96 -13.52 5.69
CA ASP A 170 -7.06 -13.27 4.75
C ASP A 170 -7.43 -11.81 4.95
N ASP A 171 -8.38 -11.31 4.17
CA ASP A 171 -8.79 -9.91 4.27
C ASP A 171 -9.28 -9.48 5.64
N SER A 172 -9.95 -10.37 6.37
CA SER A 172 -10.42 -9.98 7.70
C SER A 172 -9.21 -9.69 8.60
N ASP A 173 -8.16 -10.49 8.47
CA ASP A 173 -6.94 -10.28 9.26
C ASP A 173 -6.26 -8.99 8.82
N ILE A 174 -6.09 -8.84 7.51
CA ILE A 174 -5.43 -7.68 6.94
C ILE A 174 -6.12 -6.36 7.32
N SER A 175 -7.45 -6.34 7.29
CA SER A 175 -8.15 -5.10 7.63
C SER A 175 -7.78 -4.62 9.04
N LEU A 176 -7.68 -5.55 9.98
CA LEU A 176 -7.31 -5.18 11.36
C LEU A 176 -5.84 -4.76 11.45
N PHE A 177 -4.98 -5.45 10.71
CA PHE A 177 -3.55 -5.13 10.69
C PHE A 177 -3.33 -3.72 10.15
N VAL A 178 -4.01 -3.38 9.06
CA VAL A 178 -3.89 -2.05 8.47
C VAL A 178 -4.44 -0.97 9.42
N ALA A 179 -5.54 -1.27 10.11
CA ALA A 179 -6.07 -0.29 11.06
C ALA A 179 -5.04 -0.02 12.17
N ALA A 180 -4.40 -1.08 12.65
CA ALA A 180 -3.38 -0.97 13.70
C ALA A 180 -2.18 -0.14 13.23
N ILE A 181 -1.81 -0.30 11.96
CA ILE A 181 -0.71 0.45 11.36
C ILE A 181 -1.01 1.94 11.36
N ILE A 182 -2.22 2.28 10.93
CA ILE A 182 -2.66 3.67 10.86
C ILE A 182 -2.81 4.34 12.22
N CYS A 183 -3.45 3.66 13.15
CA CYS A 183 -3.68 4.20 14.49
C CYS A 183 -2.50 3.89 15.38
N CYS A 184 -1.38 4.52 15.06
CA CYS A 184 -0.13 4.32 15.77
C CYS A 184 0.18 5.53 16.65
N GLY A 185 0.25 5.30 17.95
CA GLY A 185 0.52 6.37 18.88
C GLY A 185 1.91 6.97 18.96
N ASP A 186 2.91 6.34 18.37
CA ASP A 186 4.25 6.90 18.47
C ASP A 186 4.78 7.61 17.23
N ARG A 187 3.88 8.05 16.35
CA ARG A 187 4.28 8.78 15.15
C ARG A 187 4.83 10.13 15.61
N PRO A 188 5.87 10.64 14.95
CA PRO A 188 6.41 11.93 15.36
C PRO A 188 5.44 13.10 15.15
N GLY A 189 5.45 14.04 16.08
CA GLY A 189 4.58 15.20 15.98
C GLY A 189 3.12 15.06 16.38
N LEU A 190 2.73 13.95 17.00
CA LEU A 190 1.34 13.77 17.40
C LEU A 190 1.01 14.60 18.64
N LEU A 191 -0.22 15.10 18.69
CA LEU A 191 -0.67 15.92 19.82
C LEU A 191 -1.31 15.08 20.91
N ASN A 192 -2.44 14.47 20.60
CA ASN A 192 -3.16 13.65 21.57
C ASN A 192 -2.68 12.20 21.55
N VAL A 193 -1.44 11.98 21.95
CA VAL A 193 -0.87 10.64 22.00
C VAL A 193 -1.73 9.69 22.81
N GLY A 194 -2.17 10.15 23.98
CA GLY A 194 -3.00 9.31 24.83
C GLY A 194 -4.26 8.81 24.15
N HIS A 195 -4.97 9.71 23.47
CA HIS A 195 -6.20 9.35 22.78
C HIS A 195 -5.94 8.32 21.68
N ILE A 196 -4.86 8.53 20.92
CA ILE A 196 -4.50 7.62 19.85
C ILE A 196 -4.06 6.26 20.40
N GLU A 197 -3.31 6.27 21.50
CA GLU A 197 -2.87 5.01 22.10
C GLU A 197 -4.08 4.19 22.52
N LYS A 198 -5.13 4.85 23.00
CA LYS A 198 -6.33 4.14 23.43
C LYS A 198 -6.99 3.43 22.24
N MET A 199 -7.04 4.10 21.10
CA MET A 199 -7.63 3.53 19.89
C MET A 199 -6.83 2.31 19.46
N GLN A 200 -5.51 2.46 19.43
CA GLN A 200 -4.62 1.38 19.04
C GLN A 200 -4.80 0.17 19.95
N GLU A 201 -4.89 0.43 21.25
CA GLU A 201 -5.05 -0.66 22.22
C GLU A 201 -6.30 -1.49 21.94
N GLY A 202 -7.40 -0.82 21.60
CA GLY A 202 -8.63 -1.52 21.29
C GLY A 202 -8.50 -2.33 20.01
N ILE A 203 -7.88 -1.74 18.99
CA ILE A 203 -7.67 -2.43 17.72
C ILE A 203 -6.78 -3.66 17.90
N VAL A 204 -5.68 -3.49 18.63
CA VAL A 204 -4.77 -4.59 18.89
C VAL A 204 -5.46 -5.69 19.70
N HIS A 205 -6.35 -5.29 20.60
CA HIS A 205 -7.11 -6.22 21.42
C HIS A 205 -7.96 -7.12 20.54
N VAL A 206 -8.74 -6.52 19.65
CA VAL A 206 -9.59 -7.32 18.76
C VAL A 206 -8.77 -8.10 17.75
N LEU A 207 -7.61 -7.58 17.37
CA LEU A 207 -6.74 -8.30 16.43
C LEU A 207 -6.23 -9.57 17.10
N ARG A 208 -5.74 -9.45 18.32
CA ARG A 208 -5.23 -10.62 19.05
C ARG A 208 -6.30 -11.70 19.18
N LEU A 209 -7.52 -11.29 19.49
CA LEU A 209 -8.63 -12.24 19.63
C LEU A 209 -9.00 -12.87 18.29
N HIS A 210 -9.00 -12.05 17.25
CA HIS A 210 -9.35 -12.50 15.92
C HIS A 210 -8.37 -13.56 15.40
N LEU A 211 -7.08 -13.33 15.63
CA LEU A 211 -6.07 -14.29 15.20
C LEU A 211 -6.22 -15.62 15.92
N GLN A 212 -6.64 -15.57 17.19
CA GLN A 212 -6.82 -16.79 17.99
C GLN A 212 -7.89 -17.72 17.42
N SER A 213 -9.01 -17.15 16.98
CA SER A 213 -10.09 -17.95 16.41
C SER A 213 -9.99 -18.21 14.91
N ASN A 214 -9.33 -17.31 14.18
CA ASN A 214 -9.20 -17.47 12.73
C ASN A 214 -7.95 -18.26 12.34
N HIS A 215 -6.95 -18.29 13.22
CA HIS A 215 -5.71 -19.02 12.99
C HIS A 215 -5.29 -19.80 14.24
N PRO A 216 -6.10 -20.80 14.62
CA PRO A 216 -5.84 -21.64 15.81
C PRO A 216 -4.53 -22.42 15.83
N ASP A 217 -4.04 -22.82 14.65
CA ASP A 217 -2.81 -23.61 14.58
C ASP A 217 -1.48 -22.86 14.57
N ASP A 218 -1.53 -21.54 14.69
CA ASP A 218 -0.31 -20.73 14.72
C ASP A 218 -0.36 -19.85 15.96
N ILE A 219 0.13 -20.36 17.09
CA ILE A 219 0.08 -19.59 18.33
C ILE A 219 1.02 -18.40 18.37
N PHE A 220 1.96 -18.32 17.42
CA PHE A 220 2.91 -17.20 17.36
C PHE A 220 2.48 -16.15 16.33
N LEU A 221 1.29 -16.30 15.73
CA LEU A 221 0.87 -15.35 14.69
C LEU A 221 0.83 -13.89 15.14
N PHE A 222 0.36 -13.63 16.35
CA PHE A 222 0.31 -12.25 16.83
C PHE A 222 1.72 -11.65 16.93
N PRO A 223 2.64 -12.30 17.67
CA PRO A 223 3.98 -11.69 17.71
C PRO A 223 4.64 -11.60 16.33
N LYS A 224 4.32 -12.54 15.44
CA LYS A 224 4.87 -12.50 14.09
C LYS A 224 4.42 -11.21 13.41
N LEU A 225 3.16 -10.86 13.59
CA LEU A 225 2.61 -9.64 12.99
C LEU A 225 3.20 -8.39 13.61
N LEU A 226 3.48 -8.42 14.91
CA LEU A 226 4.10 -7.27 15.56
C LEU A 226 5.46 -7.04 14.91
N GLN A 227 6.19 -8.11 14.63
CA GLN A 227 7.48 -7.95 13.99
C GLN A 227 7.33 -7.40 12.59
N LYS A 228 6.26 -7.79 11.89
CA LYS A 228 6.01 -7.27 10.54
C LYS A 228 5.80 -5.76 10.57
N MET A 229 5.17 -5.26 11.64
CA MET A 229 4.95 -3.83 11.75
C MET A 229 6.30 -3.13 11.86
N ALA A 230 7.22 -3.72 12.62
CA ALA A 230 8.56 -3.15 12.76
C ALA A 230 9.33 -3.24 11.44
N ASP A 231 9.15 -4.37 10.74
CA ASP A 231 9.82 -4.55 9.45
C ASP A 231 9.30 -3.53 8.44
N LEU A 232 8.01 -3.24 8.48
CA LEU A 232 7.42 -2.28 7.55
C LEU A 232 7.93 -0.87 7.78
N ARG A 233 8.09 -0.47 9.04
CA ARG A 233 8.58 0.86 9.34
C ARG A 233 9.98 1.04 8.74
N GLN A 234 10.80 0.00 8.87
CA GLN A 234 12.16 0.01 8.33
C GLN A 234 12.12 0.06 6.80
N LEU A 235 11.21 -0.74 6.23
CA LEU A 235 11.05 -0.79 4.79
C LEU A 235 10.64 0.58 4.22
N VAL A 236 9.81 1.30 4.97
CA VAL A 236 9.37 2.63 4.51
C VAL A 236 10.49 3.67 4.65
N THR A 237 11.25 3.60 5.74
CA THR A 237 12.33 4.54 5.95
C THR A 237 13.35 4.41 4.81
N GLU A 238 13.68 3.18 4.44
CA GLU A 238 14.62 2.93 3.35
C GLU A 238 14.02 3.35 2.01
N HIS A 239 12.72 3.12 1.83
CA HIS A 239 12.06 3.51 0.59
C HIS A 239 12.11 5.04 0.42
N ALA A 240 11.81 5.77 1.50
CA ALA A 240 11.84 7.23 1.46
C ALA A 240 13.21 7.72 1.05
N GLN A 241 14.26 7.08 1.55
CA GLN A 241 15.63 7.45 1.19
C GLN A 241 15.83 7.33 -0.30
N LEU A 242 15.37 6.23 -0.88
CA LEU A 242 15.51 6.01 -2.32
C LEU A 242 14.69 7.03 -3.09
N VAL A 243 13.48 7.32 -2.61
CA VAL A 243 12.61 8.30 -3.27
C VAL A 243 13.31 9.66 -3.34
N GLN A 244 13.96 10.06 -2.25
CA GLN A 244 14.68 11.33 -2.23
C GLN A 244 15.81 11.34 -3.28
N ILE A 245 16.49 10.21 -3.43
CA ILE A 245 17.57 10.11 -4.39
C ILE A 245 17.01 10.25 -5.80
N ILE A 246 15.90 9.58 -6.08
CA ILE A 246 15.27 9.66 -7.39
C ILE A 246 14.84 11.11 -7.67
N LYS A 247 14.28 11.78 -6.66
CA LYS A 247 13.85 13.17 -6.80
C LYS A 247 14.97 14.11 -7.21
N LYS A 248 16.15 13.90 -6.64
CA LYS A 248 17.32 14.75 -6.93
C LYS A 248 18.10 14.40 -8.19
N THR A 249 17.97 13.16 -8.67
CA THR A 249 18.73 12.75 -9.83
C THR A 249 17.97 12.42 -11.12
N GLU A 250 16.65 12.29 -11.04
CA GLU A 250 15.87 11.96 -12.23
C GLU A 250 15.03 13.14 -12.69
N SER A 251 15.39 13.68 -13.85
CA SER A 251 14.70 14.83 -14.43
C SER A 251 13.21 14.65 -14.72
N ASP A 252 12.79 13.45 -15.12
CA ASP A 252 11.38 13.22 -15.44
C ASP A 252 10.66 12.34 -14.42
N ALA A 253 11.03 12.46 -13.16
CA ALA A 253 10.41 11.65 -12.10
C ALA A 253 9.88 12.53 -10.97
N ALA A 254 9.45 13.75 -11.31
CA ALA A 254 8.90 14.66 -10.31
C ALA A 254 7.69 14.00 -9.67
N LEU A 255 7.59 14.13 -8.34
CA LEU A 255 6.48 13.52 -7.62
C LEU A 255 5.15 14.25 -7.75
N HIS A 256 4.08 13.47 -7.73
CA HIS A 256 2.72 13.97 -7.79
C HIS A 256 2.58 14.76 -6.49
N PRO A 257 1.82 15.88 -6.52
CA PRO A 257 1.60 16.74 -5.37
C PRO A 257 1.28 16.03 -4.04
N LEU A 258 0.38 15.06 -4.07
CA LEU A 258 0.00 14.34 -2.87
C LEU A 258 1.17 13.53 -2.30
N LEU A 259 1.92 12.88 -3.18
CA LEU A 259 3.07 12.10 -2.72
C LEU A 259 4.16 13.03 -2.19
N GLN A 260 4.33 14.18 -2.85
CA GLN A 260 5.33 15.15 -2.42
C GLN A 260 5.00 15.58 -0.98
N GLU A 261 3.71 15.84 -0.73
CA GLU A 261 3.24 16.23 0.61
C GLU A 261 3.62 15.20 1.65
N ILE A 262 3.33 13.94 1.35
CA ILE A 262 3.62 12.85 2.26
C ILE A 262 5.10 12.71 2.60
N TYR A 263 5.97 12.70 1.59
CA TYR A 263 7.40 12.54 1.83
C TYR A 263 8.10 13.77 2.39
N ARG A 264 7.51 14.95 2.22
CA ARG A 264 8.10 16.18 2.73
C ARG A 264 8.33 16.12 4.24
N ASP A 265 9.59 16.13 4.65
CA ASP A 265 9.95 16.07 6.07
C ASP A 265 9.45 14.82 6.78
N MET A 266 9.41 13.70 6.07
CA MET A 266 8.96 12.45 6.68
C MET A 266 10.04 11.86 7.56
N TYR A 267 11.12 11.39 6.95
CA TYR A 267 12.23 10.80 7.70
C TYR A 267 13.55 11.48 7.33
N ALA B 1 -0.17 25.61 1.42
CA ALA B 1 -0.12 25.15 2.84
C ALA B 1 0.53 23.77 2.94
N ARG B 2 0.89 23.38 4.16
CA ARG B 2 1.51 22.08 4.38
C ARG B 2 0.43 20.99 4.40
N HIS B 3 0.57 20.02 3.49
CA HIS B 3 -0.39 18.92 3.38
C HIS B 3 -1.76 19.37 2.90
N LYS B 4 -1.77 20.31 1.95
CA LYS B 4 -3.02 20.84 1.42
C LYS B 4 -3.99 19.75 0.96
N ILE B 5 -3.50 18.80 0.17
CA ILE B 5 -4.34 17.72 -0.35
C ILE B 5 -4.88 16.78 0.73
N LEU B 6 -4.01 16.32 1.63
CA LEU B 6 -4.47 15.44 2.69
C LEU B 6 -5.54 16.12 3.54
N HIS B 7 -5.32 17.38 3.90
CA HIS B 7 -6.29 18.12 4.69
C HIS B 7 -7.64 18.19 3.98
N ARG B 8 -7.60 18.42 2.66
CA ARG B 8 -8.82 18.50 1.88
C ARG B 8 -9.55 17.16 1.88
N LEU B 9 -8.83 16.09 1.53
CA LEU B 9 -9.41 14.74 1.51
C LEU B 9 -10.05 14.37 2.84
N LEU B 10 -9.38 14.71 3.94
CA LEU B 10 -9.89 14.39 5.27
C LEU B 10 -11.17 15.15 5.63
N GLN B 11 -11.33 16.35 5.10
CA GLN B 11 -12.49 17.16 5.39
C GLN B 11 -13.75 16.91 4.55
N GLU B 12 -13.63 16.05 3.54
CA GLU B 12 -14.78 15.75 2.69
C GLU B 12 -15.58 14.61 3.33
#